data_1IQF
#
_entry.id   1IQF
#
_cell.length_a   72.290
_cell.length_b   78.040
_cell.length_c   56.630
_cell.angle_alpha   90.00
_cell.angle_beta   90.00
_cell.angle_gamma   90.00
#
_symmetry.space_group_name_H-M   'P 21 21 21'
#
loop_
_entity.id
_entity.type
_entity.pdbx_description
1 polymer 'coagulation Factor Xa'
2 polymer 'coagulation Factor Xa'
3 non-polymer 'CALCIUM ION'
4 non-polymer '(2R)-4-[(6-CHLORO-2-NAPHTHALENYL)SULFONYL]-6-OXO-1-[[1-(4-PYRIDINYL)-4-PIPERIDINYL]METHYL]-2-PIPERAZINECARBOXYLIC ACID ETHYL ESTER'
#
loop_
_entity_poly.entity_id
_entity_poly.type
_entity_poly.pdbx_seq_one_letter_code
_entity_poly.pdbx_strand_id
1 'polypeptide(L)'
;IVGGQECKDGECPWQALLINEENEGFCGGTILSEFYILTAAHCLYQAKRFKVRVGDRNTEQEEGGEAVHEVEVVIKHNRF
TKETYDFDIAVLRLKTPITFRMNVAPACLPERDWAESTLMTQKTGIVSGFGRTHEKGRQSTRLKMLEVPYVDRNSCKLSS
SFIITQNMFCAGYDTKQEDACQGDSGGPHVTRFKDTYFVTGIVSWGEGCARKGKYGIYTKVTAFLKWIDRSMKTR
;
A
2 'polypeptide(L)'
;YKDGDQCETSPCQNQGKCKDGLGEYTCTCLEGFEGKNCELFTRKLCSLDNGDCDQFCHEEQNSVVCSCARGYTLADNGKA
CIPTGPYPCGKQTLER
;
L
#
loop_
_chem_comp.id
_chem_comp.type
_chem_comp.name
_chem_comp.formula
CA non-polymer 'CALCIUM ION' 'Ca 2'
XMD non-polymer '(2R)-4-[(6-CHLORO-2-NAPHTHALENYL)SULFONYL]-6-OXO-1-[[1-(4-PYRIDINYL)-4-PIPERIDINYL]METHYL]-2-PIPERAZINECARBOXYLIC ACID ETHYL ESTER' 'C28 H31 Cl N4 O5 S'
#
# COMPACT_ATOMS: atom_id res chain seq x y z
N ILE A 1 -0.27 11.68 8.64
CA ILE A 1 0.80 11.99 7.65
C ILE A 1 1.44 13.35 7.89
N VAL A 2 2.44 13.39 8.77
CA VAL A 2 3.14 14.63 9.09
C VAL A 2 3.79 15.16 7.81
N GLY A 3 3.45 16.40 7.45
CA GLY A 3 4.00 16.97 6.24
C GLY A 3 3.35 16.29 5.04
N GLY A 4 4.09 16.17 3.95
CA GLY A 4 3.53 15.53 2.76
C GLY A 4 2.63 16.45 1.96
N GLN A 5 2.00 15.91 0.93
CA GLN A 5 1.11 16.71 0.10
C GLN A 5 -0.33 16.19 0.19
N GLU A 6 -1.25 16.93 -0.40
CA GLU A 6 -2.66 16.57 -0.38
C GLU A 6 -2.97 15.69 -1.58
N CYS A 7 -3.51 14.51 -1.33
CA CYS A 7 -3.86 13.59 -2.42
C CYS A 7 -4.85 14.30 -3.36
N LYS A 8 -4.35 14.94 -4.40
CA LYS A 8 -5.24 15.64 -5.32
C LYS A 8 -6.21 14.67 -5.97
N ASP A 9 -7.26 15.24 -6.56
CA ASP A 9 -8.31 14.47 -7.21
C ASP A 9 -7.81 13.37 -8.13
N GLY A 10 -8.23 12.14 -7.84
CA GLY A 10 -7.86 10.98 -8.65
C GLY A 10 -6.38 10.66 -8.63
N GLU A 11 -5.71 11.04 -7.55
CA GLU A 11 -4.28 10.80 -7.40
C GLU A 11 -3.97 9.61 -6.51
N CYS A 12 -4.86 9.29 -5.57
CA CYS A 12 -4.65 8.18 -4.65
C CYS A 12 -5.86 7.24 -4.62
N PRO A 13 -6.39 6.89 -5.79
CA PRO A 13 -7.56 6.03 -6.02
C PRO A 13 -7.65 4.70 -5.30
N TRP A 14 -6.55 4.25 -4.70
CA TRP A 14 -6.53 2.97 -4.00
C TRP A 14 -6.68 3.15 -2.50
N GLN A 15 -6.63 4.40 -2.07
CA GLN A 15 -6.74 4.75 -0.66
C GLN A 15 -8.04 4.32 0.00
N ALA A 16 -8.02 3.20 0.71
CA ALA A 16 -9.22 2.75 1.40
C ALA A 16 -9.15 3.23 2.86
N LEU A 17 -10.31 3.35 3.50
CA LEU A 17 -10.37 3.84 4.89
C LEU A 17 -11.26 3.02 5.81
N LEU A 18 -10.67 2.45 6.85
CA LEU A 18 -11.42 1.67 7.81
C LEU A 18 -12.07 2.61 8.82
N ILE A 19 -13.40 2.53 8.91
CA ILE A 19 -14.15 3.36 9.84
C ILE A 19 -14.84 2.49 10.86
N ASN A 20 -15.17 3.07 12.00
CA ASN A 20 -15.82 2.34 13.07
C ASN A 20 -17.25 2.80 13.26
N GLU A 21 -17.95 2.12 14.17
CA GLU A 21 -19.33 2.40 14.52
C GLU A 21 -19.53 3.88 14.77
N GLU A 22 -18.45 4.57 15.11
CA GLU A 22 -18.51 6.00 15.38
C GLU A 22 -18.15 6.78 14.11
N ASN A 23 -18.22 6.08 12.98
CA ASN A 23 -17.93 6.65 11.66
C ASN A 23 -16.58 7.33 11.59
N GLU A 24 -15.79 7.13 12.63
CA GLU A 24 -14.46 7.72 12.72
C GLU A 24 -13.52 6.81 11.94
N GLY A 25 -12.61 7.40 11.17
CA GLY A 25 -11.68 6.60 10.41
C GLY A 25 -10.44 6.35 11.23
N PHE A 26 -10.31 5.15 11.80
CA PHE A 26 -9.17 4.81 12.65
C PHE A 26 -7.95 4.27 11.90
N CYS A 27 -8.17 3.35 10.99
CA CYS A 27 -7.08 2.77 10.22
C CYS A 27 -7.28 2.96 8.71
N GLY A 28 -6.32 2.48 7.93
CA GLY A 28 -6.42 2.60 6.49
C GLY A 28 -6.38 1.27 5.78
N GLY A 29 -6.25 1.32 4.46
CA GLY A 29 -6.19 0.10 3.68
C GLY A 29 -5.83 0.42 2.23
N THR A 30 -5.75 -0.62 1.41
CA THR A 30 -5.43 -0.48 -0.01
C THR A 30 -6.39 -1.38 -0.74
N ILE A 31 -6.87 -0.92 -1.89
CA ILE A 31 -7.79 -1.74 -2.70
C ILE A 31 -6.96 -2.64 -3.61
N LEU A 32 -7.27 -3.94 -3.61
CA LEU A 32 -6.52 -4.87 -4.46
C LEU A 32 -7.38 -5.41 -5.59
N SER A 33 -8.69 -5.48 -5.34
CA SER A 33 -9.65 -5.98 -6.31
C SER A 33 -11.06 -5.50 -5.95
N GLU A 34 -12.01 -5.65 -6.87
CA GLU A 34 -13.37 -5.22 -6.62
C GLU A 34 -13.90 -5.79 -5.31
N PHE A 35 -13.31 -6.89 -4.85
CA PHE A 35 -13.76 -7.50 -3.60
C PHE A 35 -12.83 -7.43 -2.40
N TYR A 36 -11.52 -7.28 -2.63
CA TYR A 36 -10.54 -7.28 -1.54
C TYR A 36 -9.78 -6.03 -1.17
N ILE A 37 -9.56 -5.89 0.14
CA ILE A 37 -8.83 -4.75 0.69
C ILE A 37 -7.64 -5.25 1.53
N LEU A 38 -6.47 -4.62 1.35
CA LEU A 38 -5.25 -5.00 2.07
C LEU A 38 -5.03 -4.08 3.27
N THR A 39 -4.85 -4.66 4.47
CA THR A 39 -4.65 -3.83 5.68
C THR A 39 -3.66 -4.35 6.73
N ALA A 40 -3.11 -3.42 7.51
CA ALA A 40 -2.18 -3.77 8.56
C ALA A 40 -2.90 -4.62 9.62
N ALA A 41 -2.40 -5.82 9.84
CA ALA A 41 -2.98 -6.75 10.80
C ALA A 41 -3.38 -6.19 12.16
N HIS A 42 -2.50 -5.47 12.84
CA HIS A 42 -2.86 -4.95 14.15
C HIS A 42 -4.10 -4.10 14.12
N CYS A 43 -4.31 -3.39 13.01
CA CYS A 43 -5.47 -2.52 12.83
C CYS A 43 -6.80 -3.11 13.28
N LEU A 44 -6.93 -4.43 13.15
CA LEU A 44 -8.15 -5.09 13.54
C LEU A 44 -8.25 -5.18 15.07
N TYR A 45 -7.74 -4.14 15.73
CA TYR A 45 -7.76 -4.04 17.19
C TYR A 45 -8.24 -2.68 17.69
N GLN A 46 -7.96 -1.62 16.93
CA GLN A 46 -8.38 -0.28 17.31
C GLN A 46 -9.85 -0.05 17.00
N ALA A 47 -10.63 -1.13 17.00
CA ALA A 47 -12.06 -1.04 16.73
C ALA A 47 -12.77 -2.26 17.31
N LYS A 48 -14.09 -2.28 17.17
CA LYS A 48 -14.88 -3.40 17.65
C LYS A 48 -15.53 -4.03 16.40
N ARG A 49 -16.20 -3.16 15.63
CA ARG A 49 -16.88 -3.53 14.39
C ARG A 49 -16.51 -2.41 13.42
N PHE A 50 -16.11 -2.77 12.20
CA PHE A 50 -15.69 -1.74 11.24
C PHE A 50 -16.25 -1.86 9.83
N LYS A 51 -16.42 -0.69 9.19
CA LYS A 51 -16.90 -0.58 7.83
C LYS A 51 -15.69 -0.09 7.03
N VAL A 52 -15.69 -0.35 5.73
CA VAL A 52 -14.59 0.09 4.88
C VAL A 52 -15.09 1.10 3.85
N ARG A 53 -14.65 2.33 4.04
CA ARG A 53 -15.02 3.45 3.17
C ARG A 53 -13.99 3.67 2.06
N VAL A 54 -14.48 4.04 0.89
CA VAL A 54 -13.63 4.29 -0.26
C VAL A 54 -14.16 5.46 -1.06
N GLY A 55 -13.29 6.12 -1.81
CA GLY A 55 -13.69 7.26 -2.61
C GLY A 55 -13.58 8.60 -1.91
N ASP A 56 -13.36 8.57 -0.59
CA ASP A 56 -13.27 9.79 0.19
C ASP A 56 -11.88 10.46 0.23
N ARG A 57 -11.86 11.77 -0.05
CA ARG A 57 -10.63 12.56 -0.03
C ARG A 57 -10.83 13.70 0.97
N ASN A 58 -11.89 13.61 1.76
CA ASN A 58 -12.19 14.65 2.74
C ASN A 58 -13.24 14.12 3.70
N THR A 59 -12.89 14.13 4.98
CA THR A 59 -13.76 13.65 6.04
C THR A 59 -14.67 14.72 6.64
N GLU A 60 -15.46 15.39 5.79
CA GLU A 60 -16.39 16.40 6.27
C GLU A 60 -17.15 17.11 5.16
N GLN A 61 -16.98 16.65 3.92
CA GLN A 61 -17.66 17.24 2.77
C GLN A 61 -17.95 16.15 1.73
N GLU A 62 -19.22 15.89 1.48
CA GLU A 62 -19.59 14.87 0.50
C GLU A 62 -18.96 15.22 -0.84
N GLU A 63 -18.22 14.27 -1.39
CA GLU A 63 -17.58 14.44 -2.69
C GLU A 63 -18.38 13.62 -3.69
N GLY A 64 -19.51 13.09 -3.21
CA GLY A 64 -20.38 12.29 -4.05
C GLY A 64 -19.82 10.92 -4.37
N GLY A 65 -18.55 10.86 -4.73
CA GLY A 65 -17.96 9.60 -5.11
C GLY A 65 -17.64 8.55 -4.05
N GLU A 66 -17.63 8.93 -2.79
CA GLU A 66 -17.30 7.97 -1.77
C GLU A 66 -18.27 6.82 -1.79
N ALA A 67 -18.17 5.97 -0.78
CA ALA A 67 -19.03 4.80 -0.64
C ALA A 67 -18.55 3.98 0.57
N VAL A 68 -19.49 3.41 1.31
CA VAL A 68 -19.15 2.57 2.46
C VAL A 68 -19.26 1.13 1.96
N HIS A 69 -18.65 0.21 2.70
CA HIS A 69 -18.64 -1.20 2.33
C HIS A 69 -18.53 -2.05 3.57
N GLU A 70 -19.34 -3.08 3.69
CA GLU A 70 -19.24 -3.92 4.88
C GLU A 70 -18.31 -5.08 4.59
N VAL A 71 -17.65 -5.54 5.65
CA VAL A 71 -16.72 -6.66 5.54
C VAL A 71 -17.48 -7.97 5.68
N GLU A 72 -17.18 -8.91 4.80
CA GLU A 72 -17.85 -10.19 4.82
C GLU A 72 -17.07 -11.21 5.63
N VAL A 73 -15.74 -11.15 5.52
CA VAL A 73 -14.85 -12.04 6.27
C VAL A 73 -13.52 -11.33 6.40
N VAL A 74 -12.90 -11.49 7.57
CA VAL A 74 -11.62 -10.86 7.84
C VAL A 74 -10.55 -11.93 7.92
N ILE A 75 -9.49 -11.74 7.16
CA ILE A 75 -8.38 -12.68 7.15
C ILE A 75 -7.17 -12.07 7.86
N LYS A 76 -7.03 -12.35 9.15
CA LYS A 76 -5.90 -11.83 9.90
C LYS A 76 -4.78 -12.82 9.71
N HIS A 77 -3.54 -12.34 9.61
CA HIS A 77 -2.44 -13.27 9.44
C HIS A 77 -2.17 -13.89 10.79
N ASN A 78 -2.63 -15.13 10.92
CA ASN A 78 -2.49 -15.93 12.13
C ASN A 78 -1.31 -15.52 13.02
N ARG A 79 -0.11 -15.90 12.56
CA ARG A 79 1.14 -15.65 13.28
C ARG A 79 1.46 -14.22 13.67
N PHE A 80 0.48 -13.33 13.67
CA PHE A 80 0.73 -11.95 14.07
C PHE A 80 0.87 -11.89 15.58
N THR A 81 1.51 -10.83 16.09
CA THR A 81 1.67 -10.67 17.51
C THR A 81 2.06 -9.27 17.90
N LYS A 82 1.15 -8.60 18.58
CA LYS A 82 1.34 -7.24 19.03
C LYS A 82 2.68 -7.06 19.71
N GLU A 83 3.03 -8.00 20.58
CA GLU A 83 4.29 -7.95 21.32
C GLU A 83 5.52 -7.72 20.45
N THR A 84 5.42 -8.04 19.16
CA THR A 84 6.56 -7.83 18.27
C THR A 84 6.19 -7.13 16.99
N TYR A 85 4.89 -7.18 16.64
CA TYR A 85 4.40 -6.54 15.43
C TYR A 85 4.86 -7.28 14.18
N ASP A 86 5.10 -8.58 14.31
CA ASP A 86 5.57 -9.37 13.18
C ASP A 86 4.40 -10.04 12.48
N PHE A 87 4.39 -9.93 11.16
CA PHE A 87 3.32 -10.46 10.33
C PHE A 87 2.12 -9.55 10.53
N ASP A 88 2.39 -8.26 10.44
CA ASP A 88 1.37 -7.24 10.57
C ASP A 88 0.75 -7.12 9.18
N ILE A 89 -0.13 -8.07 8.87
CA ILE A 89 -0.84 -8.12 7.60
C ILE A 89 -2.20 -8.80 7.77
N ALA A 90 -3.17 -8.41 6.94
CA ALA A 90 -4.50 -9.00 7.01
C ALA A 90 -5.26 -8.68 5.73
N VAL A 91 -6.32 -9.44 5.46
CA VAL A 91 -7.09 -9.19 4.26
C VAL A 91 -8.60 -9.30 4.44
N LEU A 92 -9.31 -8.24 4.08
CA LEU A 92 -10.75 -8.15 4.20
C LEU A 92 -11.44 -8.37 2.84
N ARG A 93 -12.44 -9.24 2.79
CA ARG A 93 -13.18 -9.47 1.55
C ARG A 93 -14.50 -8.74 1.72
N LEU A 94 -14.84 -7.86 0.79
CA LEU A 94 -16.09 -7.11 0.93
C LEU A 94 -17.33 -7.95 0.67
N LYS A 95 -18.45 -7.54 1.27
CA LYS A 95 -19.71 -8.26 1.12
C LYS A 95 -20.26 -8.01 -0.28
N THR A 96 -20.06 -6.78 -0.75
CA THR A 96 -20.51 -6.36 -2.07
C THR A 96 -19.26 -5.91 -2.82
N PRO A 97 -19.28 -5.98 -4.16
CA PRO A 97 -18.12 -5.58 -4.95
C PRO A 97 -17.93 -4.07 -4.98
N ILE A 98 -16.67 -3.63 -5.09
CA ILE A 98 -16.35 -2.21 -5.17
C ILE A 98 -16.59 -1.81 -6.62
N THR A 99 -17.01 -0.57 -6.87
CA THR A 99 -17.24 -0.16 -8.25
C THR A 99 -16.26 0.93 -8.62
N PHE A 100 -15.34 0.59 -9.52
CA PHE A 100 -14.33 1.53 -9.91
C PHE A 100 -14.85 2.75 -10.62
N ARG A 101 -14.86 3.88 -9.92
CA ARG A 101 -15.27 5.14 -10.53
C ARG A 101 -13.97 5.94 -10.46
N MET A 102 -14.04 7.27 -10.44
CA MET A 102 -12.80 8.04 -10.30
C MET A 102 -12.50 7.99 -8.82
N ASN A 103 -11.29 8.33 -8.43
CA ASN A 103 -10.93 8.27 -7.02
C ASN A 103 -11.13 6.87 -6.43
N VAL A 104 -11.49 5.90 -7.26
CA VAL A 104 -11.68 4.54 -6.78
C VAL A 104 -11.24 3.50 -7.81
N ALA A 105 -10.03 2.97 -7.62
CA ALA A 105 -9.45 1.96 -8.51
C ALA A 105 -8.58 1.04 -7.64
N PRO A 106 -8.18 -0.12 -8.19
CA PRO A 106 -7.35 -1.03 -7.40
C PRO A 106 -5.87 -0.86 -7.78
N ALA A 107 -4.96 -1.03 -6.81
CA ALA A 107 -3.52 -0.91 -7.08
C ALA A 107 -2.97 -2.27 -7.46
N CYS A 108 -1.89 -2.31 -8.25
CA CYS A 108 -1.36 -3.60 -8.67
C CYS A 108 -0.52 -4.32 -7.63
N LEU A 109 -0.45 -5.65 -7.79
CA LEU A 109 0.37 -6.53 -6.96
C LEU A 109 1.53 -6.87 -7.87
N PRO A 110 2.77 -6.73 -7.39
CA PRO A 110 3.89 -7.07 -8.26
C PRO A 110 4.30 -8.52 -8.09
N GLU A 111 5.27 -8.96 -8.86
CA GLU A 111 5.80 -10.31 -8.77
C GLU A 111 6.99 -10.19 -7.79
N ARG A 112 7.04 -11.06 -6.79
CA ARG A 112 8.10 -11.02 -5.77
C ARG A 112 9.49 -10.62 -6.28
N ASP A 113 10.20 -11.58 -6.84
CA ASP A 113 11.53 -11.33 -7.36
C ASP A 113 11.61 -10.03 -8.18
N TRP A 114 10.58 -9.74 -8.99
CA TRP A 114 10.57 -8.51 -9.77
C TRP A 114 10.58 -7.30 -8.83
N ALA A 115 9.58 -7.27 -7.96
CA ALA A 115 9.43 -6.21 -6.97
C ALA A 115 10.73 -5.93 -6.22
N GLU A 116 11.18 -6.93 -5.46
CA GLU A 116 12.40 -6.83 -4.66
C GLU A 116 13.61 -6.28 -5.41
N SER A 117 13.69 -6.53 -6.72
CA SER A 117 14.83 -6.07 -7.51
C SER A 117 14.62 -4.76 -8.25
N THR A 118 13.38 -4.39 -8.52
CA THR A 118 13.11 -3.16 -9.26
C THR A 118 12.22 -2.17 -8.52
N LEU A 119 11.24 -2.69 -7.81
CA LEU A 119 10.35 -1.82 -7.06
C LEU A 119 11.04 -1.23 -5.85
N MET A 120 11.52 -2.10 -4.96
CA MET A 120 12.18 -1.65 -3.73
C MET A 120 13.56 -1.04 -3.91
N THR A 121 14.30 -1.48 -4.92
CA THR A 121 15.64 -0.95 -5.16
C THR A 121 15.48 0.48 -5.68
N GLN A 122 14.25 0.81 -6.04
CA GLN A 122 13.89 2.12 -6.57
C GLN A 122 14.26 3.15 -5.51
N LYS A 123 14.44 4.40 -5.94
CA LYS A 123 14.81 5.48 -5.03
C LYS A 123 13.81 5.72 -3.90
N THR A 124 12.54 5.95 -4.25
CA THR A 124 11.54 6.23 -3.22
C THR A 124 10.21 5.48 -3.36
N GLY A 125 9.34 5.69 -2.37
CA GLY A 125 8.02 5.08 -2.35
C GLY A 125 6.90 6.07 -2.02
N ILE A 126 5.66 5.60 -2.03
CA ILE A 126 4.53 6.48 -1.75
C ILE A 126 3.69 5.93 -0.61
N VAL A 127 3.56 6.75 0.44
CA VAL A 127 2.78 6.39 1.62
C VAL A 127 1.67 7.42 1.81
N SER A 128 0.45 6.97 2.13
CA SER A 128 -0.67 7.89 2.31
C SER A 128 -1.67 7.48 3.39
N GLY A 129 -2.50 8.46 3.80
CA GLY A 129 -3.51 8.22 4.82
C GLY A 129 -4.14 9.49 5.38
N PHE A 130 -5.11 9.31 6.28
CA PHE A 130 -5.83 10.41 6.94
C PHE A 130 -5.31 10.63 8.37
N GLY A 131 -4.26 9.89 8.75
CA GLY A 131 -3.67 9.99 10.07
C GLY A 131 -3.11 11.32 10.49
N ARG A 132 -2.72 11.41 11.76
CA ARG A 132 -2.17 12.64 12.35
C ARG A 132 -1.15 13.41 11.52
N THR A 133 -1.20 14.74 11.65
CA THR A 133 -0.29 15.64 10.93
C THR A 133 0.83 16.10 11.86
N HIS A 134 1.01 15.33 12.93
CA HIS A 134 2.03 15.59 13.92
C HIS A 134 1.84 14.57 15.02
N GLU A 135 2.92 14.16 15.66
CA GLU A 135 2.83 13.16 16.71
C GLU A 135 1.74 13.44 17.73
N LYS A 136 1.46 14.71 18.00
CA LYS A 136 0.42 15.03 18.98
C LYS A 136 -0.87 15.64 18.41
N GLY A 137 -0.78 16.31 17.28
CA GLY A 137 -1.96 16.90 16.68
C GLY A 137 -3.10 15.90 16.51
N ARG A 138 -4.27 16.38 16.09
CA ARG A 138 -5.44 15.52 15.87
C ARG A 138 -5.41 14.94 14.47
N GLN A 139 -6.18 13.88 14.26
CA GLN A 139 -6.25 13.18 12.98
C GLN A 139 -6.50 14.14 11.85
N SER A 140 -6.27 13.70 10.62
CA SER A 140 -6.46 14.57 9.47
C SER A 140 -7.84 14.59 8.81
N THR A 141 -8.15 15.75 8.24
CA THR A 141 -9.40 15.98 7.55
C THR A 141 -9.29 15.57 6.08
N ARG A 142 -8.19 15.93 5.44
CA ARG A 142 -7.99 15.59 4.04
C ARG A 142 -7.06 14.41 3.87
N LEU A 143 -7.11 13.80 2.69
CA LEU A 143 -6.27 12.66 2.36
C LEU A 143 -4.89 13.14 1.90
N LYS A 144 -3.86 12.77 2.64
CA LYS A 144 -2.50 13.17 2.32
C LYS A 144 -1.57 12.05 1.84
N MET A 145 -0.56 12.46 1.06
CA MET A 145 0.41 11.54 0.51
C MET A 145 1.79 12.16 0.72
N LEU A 146 2.75 11.33 1.14
CA LEU A 146 4.11 11.79 1.38
C LEU A 146 5.08 10.83 0.71
N GLU A 147 5.81 11.29 -0.30
CA GLU A 147 6.78 10.43 -0.96
C GLU A 147 7.92 10.21 0.01
N VAL A 148 8.19 8.96 0.35
CA VAL A 148 9.25 8.63 1.29
C VAL A 148 10.40 7.80 0.71
N PRO A 149 11.65 8.22 0.97
CA PRO A 149 12.83 7.51 0.46
C PRO A 149 12.97 6.14 1.11
N TYR A 150 13.57 5.20 0.40
CA TYR A 150 13.78 3.85 0.95
C TYR A 150 14.91 3.95 1.95
N VAL A 151 14.83 3.12 2.99
CA VAL A 151 15.86 3.13 4.02
C VAL A 151 16.75 1.89 3.96
N ASP A 152 18.03 2.07 4.28
CA ASP A 152 18.99 0.98 4.27
C ASP A 152 18.58 -0.17 5.17
N ARG A 153 18.51 -1.35 4.58
CA ARG A 153 18.12 -2.54 5.31
C ARG A 153 18.94 -2.68 6.60
N ASN A 154 20.01 -1.90 6.74
CA ASN A 154 20.82 -1.96 7.94
C ASN A 154 20.61 -0.76 8.86
N SER A 155 20.81 0.44 8.33
CA SER A 155 20.62 1.64 9.12
C SER A 155 19.28 1.46 9.82
N CYS A 156 18.36 0.82 9.12
CA CYS A 156 17.02 0.55 9.62
C CYS A 156 17.16 -0.04 11.00
N LYS A 157 17.68 -1.27 11.02
CA LYS A 157 17.88 -2.04 12.24
C LYS A 157 18.59 -1.24 13.34
N LEU A 158 19.67 -0.56 12.99
CA LEU A 158 20.40 0.23 13.99
C LEU A 158 19.56 1.28 14.71
N SER A 159 18.92 2.16 13.93
CA SER A 159 18.11 3.24 14.50
C SER A 159 16.97 2.77 15.38
N SER A 160 16.45 1.59 15.06
CA SER A 160 15.33 0.99 15.78
C SER A 160 15.56 0.82 17.27
N SER A 161 14.58 0.23 17.95
CA SER A 161 14.65 -0.04 19.37
C SER A 161 14.18 -1.47 19.50
N PHE A 162 13.72 -2.00 18.36
CA PHE A 162 13.21 -3.35 18.28
C PHE A 162 13.60 -4.02 16.98
N ILE A 163 13.66 -5.35 16.99
CA ILE A 163 14.03 -6.12 15.83
C ILE A 163 13.27 -5.76 14.56
N ILE A 164 13.99 -5.48 13.50
CA ILE A 164 13.35 -5.21 12.22
C ILE A 164 13.49 -6.59 11.58
N THR A 165 12.38 -7.31 11.52
CA THR A 165 12.36 -8.66 10.97
C THR A 165 12.38 -8.80 9.44
N GLN A 166 12.13 -10.04 9.01
CA GLN A 166 12.11 -10.38 7.60
C GLN A 166 10.96 -9.66 6.90
N ASN A 167 9.80 -9.66 7.55
CA ASN A 167 8.58 -9.04 7.02
C ASN A 167 8.54 -7.54 7.21
N MET A 168 9.64 -6.93 7.60
CA MET A 168 9.63 -5.50 7.81
C MET A 168 10.51 -4.74 6.85
N PHE A 169 10.34 -3.43 6.81
CA PHE A 169 11.16 -2.62 5.96
C PHE A 169 10.97 -1.14 6.25
N CYS A 170 12.09 -0.45 6.39
CA CYS A 170 12.11 0.97 6.70
C CYS A 170 11.82 1.82 5.48
N ALA A 171 11.39 3.05 5.71
CA ALA A 171 11.10 3.99 4.63
C ALA A 171 10.81 5.34 5.25
N GLY A 172 11.47 6.39 4.76
CA GLY A 172 11.24 7.71 5.32
C GLY A 172 12.49 8.57 5.45
N TYR A 173 12.59 9.32 6.55
CA TYR A 173 13.72 10.20 6.77
C TYR A 173 14.41 10.03 8.11
N ASP A 174 15.66 10.47 8.17
CA ASP A 174 16.46 10.40 9.39
C ASP A 174 16.39 11.70 10.18
N THR A 175 15.96 12.78 9.52
CA THR A 175 15.87 14.05 10.21
C THR A 175 14.70 14.90 9.69
N LYS A 176 14.28 14.64 8.45
CA LYS A 176 13.18 15.40 7.86
C LYS A 176 11.89 15.13 8.62
N GLN A 177 11.21 16.19 9.06
CA GLN A 177 9.99 16.01 9.81
C GLN A 177 8.79 15.52 8.99
N GLU A 178 9.02 14.49 8.17
CA GLU A 178 7.98 13.91 7.33
C GLU A 178 7.88 12.41 7.57
N ASP A 179 6.67 11.89 7.72
CA ASP A 179 6.45 10.47 7.97
C ASP A 179 5.00 10.14 8.29
N ALA A 180 4.54 8.93 8.00
CA ALA A 180 3.18 8.53 8.31
C ALA A 180 3.06 8.67 9.81
N CYS A 181 1.87 8.46 10.37
CA CYS A 181 1.73 8.63 11.80
C CYS A 181 0.49 7.92 12.32
N GLN A 182 -0.03 8.31 13.47
CA GLN A 182 -1.22 7.62 13.98
C GLN A 182 -2.40 7.59 13.01
N GLY A 183 -3.14 6.49 13.02
CA GLY A 183 -4.30 6.38 12.15
C GLY A 183 -3.97 5.97 10.72
N ASP A 184 -2.73 6.23 10.31
CA ASP A 184 -2.25 5.89 8.98
C ASP A 184 -2.08 4.38 8.80
N SER A 185 -1.90 3.66 9.91
CA SER A 185 -1.74 2.22 9.90
C SER A 185 -2.67 1.54 8.92
N GLY A 186 -2.21 0.45 8.30
CA GLY A 186 -3.03 -0.26 7.34
C GLY A 186 -2.94 0.36 5.97
N GLY A 187 -2.51 1.63 5.95
CA GLY A 187 -2.37 2.37 4.71
C GLY A 187 -1.58 1.71 3.60
N PRO A 188 -1.63 2.28 2.39
CA PRO A 188 -0.90 1.71 1.27
C PRO A 188 0.47 2.31 1.01
N HIS A 189 1.49 1.47 1.00
CA HIS A 189 2.81 1.96 0.67
C HIS A 189 2.93 1.49 -0.77
N VAL A 190 2.97 2.43 -1.70
CA VAL A 190 3.09 2.05 -3.11
C VAL A 190 4.39 2.54 -3.75
N THR A 191 4.88 1.82 -4.74
CA THR A 191 6.06 2.25 -5.45
C THR A 191 5.55 2.56 -6.86
N ARG A 192 6.04 3.63 -7.47
CA ARG A 192 5.60 4.00 -8.80
C ARG A 192 6.71 3.66 -9.78
N PHE A 193 6.33 3.05 -10.91
CA PHE A 193 7.28 2.66 -11.95
C PHE A 193 6.65 2.76 -13.34
N LYS A 194 7.02 3.80 -14.08
CA LYS A 194 6.46 4.02 -15.41
C LYS A 194 4.98 4.33 -15.36
N ASP A 195 4.60 5.26 -14.50
CA ASP A 195 3.20 5.67 -14.39
C ASP A 195 2.22 4.54 -14.09
N THR A 196 2.56 3.73 -13.10
CA THR A 196 1.72 2.62 -12.65
C THR A 196 2.17 2.35 -11.22
N TYR A 197 1.24 2.08 -10.32
CA TYR A 197 1.64 1.85 -8.95
C TYR A 197 1.47 0.42 -8.44
N PHE A 198 2.46 -0.03 -7.66
CA PHE A 198 2.47 -1.37 -7.11
C PHE A 198 2.42 -1.31 -5.58
N VAL A 199 1.72 -2.27 -4.98
CA VAL A 199 1.62 -2.32 -3.52
C VAL A 199 2.89 -2.97 -2.99
N THR A 200 3.86 -2.15 -2.60
CA THR A 200 5.10 -2.68 -2.08
C THR A 200 5.07 -2.96 -0.58
N GLY A 201 4.28 -2.20 0.17
CA GLY A 201 4.21 -2.42 1.61
C GLY A 201 2.97 -1.92 2.32
N ILE A 202 2.85 -2.26 3.60
CA ILE A 202 1.73 -1.86 4.44
C ILE A 202 2.22 -0.93 5.55
N VAL A 203 1.39 0.02 5.99
CA VAL A 203 1.82 0.89 7.08
C VAL A 203 1.74 0.07 8.36
N SER A 204 2.91 -0.30 8.90
CA SER A 204 3.01 -1.13 10.09
C SER A 204 3.19 -0.34 11.40
N TRP A 205 4.39 0.20 11.60
CA TRP A 205 4.69 0.97 12.82
C TRP A 205 5.91 1.87 12.70
N GLY A 206 6.23 2.53 13.80
CA GLY A 206 7.37 3.44 13.89
C GLY A 206 7.49 3.82 15.37
N GLU A 207 8.53 4.55 15.74
CA GLU A 207 8.68 4.95 17.15
C GLU A 207 8.43 6.43 17.28
N GLY A 208 7.16 6.77 17.42
CA GLY A 208 6.78 8.17 17.52
C GLY A 208 6.34 8.54 16.13
N CYS A 209 6.56 9.78 15.71
CA CYS A 209 6.18 10.21 14.37
C CYS A 209 7.17 11.22 13.85
N ALA A 210 7.75 10.93 12.68
CA ALA A 210 8.72 11.80 12.04
C ALA A 210 9.86 12.19 12.97
N ARG A 211 10.23 11.26 13.86
CA ARG A 211 11.32 11.47 14.83
C ARG A 211 12.71 11.40 14.20
N LYS A 212 13.68 12.05 14.85
CA LYS A 212 15.05 12.05 14.37
C LYS A 212 15.69 10.68 14.64
N GLY A 213 16.61 10.29 13.76
CA GLY A 213 17.29 9.02 13.91
C GLY A 213 16.33 7.85 14.03
N LYS A 214 15.08 8.09 13.66
CA LYS A 214 14.05 7.05 13.67
C LYS A 214 13.30 7.08 12.35
N TYR A 215 12.82 5.91 11.92
CA TYR A 215 12.11 5.84 10.65
C TYR A 215 10.72 5.24 10.74
N GLY A 216 10.14 5.02 9.57
CA GLY A 216 8.81 4.44 9.47
C GLY A 216 8.94 2.97 9.10
N ILE A 217 8.42 2.11 9.97
CA ILE A 217 8.49 0.67 9.73
C ILE A 217 7.25 0.16 9.00
N TYR A 218 7.44 -0.29 7.77
CA TYR A 218 6.35 -0.81 6.95
C TYR A 218 6.38 -2.34 6.94
N THR A 219 5.37 -2.95 6.32
CA THR A 219 5.29 -4.41 6.20
C THR A 219 5.77 -4.77 4.81
N LYS A 220 6.79 -5.61 4.73
CA LYS A 220 7.30 -6.02 3.43
C LYS A 220 6.22 -6.81 2.72
N VAL A 221 5.47 -6.16 1.84
CA VAL A 221 4.39 -6.83 1.11
C VAL A 221 4.85 -8.05 0.30
N THR A 222 5.92 -7.89 -0.47
CA THR A 222 6.42 -8.99 -1.27
C THR A 222 6.78 -10.22 -0.43
N ALA A 223 6.76 -10.06 0.89
CA ALA A 223 7.08 -11.16 1.79
C ALA A 223 5.83 -11.95 2.14
N PHE A 224 4.73 -11.64 1.44
CA PHE A 224 3.45 -12.30 1.70
C PHE A 224 2.59 -12.46 0.46
N LEU A 225 3.14 -12.11 -0.69
CA LEU A 225 2.38 -12.24 -1.92
C LEU A 225 1.58 -13.53 -1.92
N LYS A 226 2.22 -14.65 -2.16
CA LYS A 226 1.49 -15.92 -2.20
C LYS A 226 0.45 -16.09 -1.09
N TRP A 227 0.57 -15.36 0.01
CA TRP A 227 -0.41 -15.45 1.10
C TRP A 227 -1.63 -14.66 0.66
N ILE A 228 -1.37 -13.43 0.24
CA ILE A 228 -2.37 -12.51 -0.23
C ILE A 228 -3.24 -13.13 -1.32
N ASP A 229 -2.64 -13.94 -2.20
CA ASP A 229 -3.40 -14.61 -3.24
C ASP A 229 -4.24 -15.69 -2.58
N ARG A 230 -3.56 -16.58 -1.88
CA ARG A 230 -4.23 -17.66 -1.17
C ARG A 230 -5.47 -17.03 -0.52
N SER A 231 -5.36 -15.75 -0.15
CA SER A 231 -6.45 -15.02 0.48
C SER A 231 -7.50 -14.56 -0.53
N MET A 232 -7.06 -14.01 -1.66
CA MET A 232 -8.01 -13.54 -2.68
C MET A 232 -8.92 -14.72 -3.05
N LYS A 233 -8.42 -15.93 -2.80
CA LYS A 233 -9.17 -17.14 -3.08
C LYS A 233 -9.87 -17.57 -1.78
N THR A 234 -9.58 -16.84 -0.71
CA THR A 234 -10.15 -17.09 0.62
C THR A 234 -9.59 -18.35 1.28
N ARG A 235 -9.02 -18.17 2.46
CA ARG A 235 -8.44 -19.26 3.24
C ARG A 235 -7.70 -18.68 4.44
N LYS B 44 18.81 -10.93 -22.98
CA LYS B 44 18.83 -11.18 -21.52
C LYS B 44 19.05 -9.87 -20.77
N LEU B 45 19.58 -9.98 -19.56
CA LEU B 45 19.85 -8.81 -18.75
C LEU B 45 18.56 -8.02 -18.49
N CYS B 46 17.66 -8.63 -17.72
CA CYS B 46 16.40 -7.99 -17.34
C CYS B 46 16.76 -6.92 -16.32
N SER B 47 17.95 -6.35 -16.46
CA SER B 47 18.41 -5.31 -15.57
C SER B 47 19.10 -4.18 -16.32
N LEU B 48 19.03 -4.23 -17.66
CA LEU B 48 19.63 -3.18 -18.48
C LEU B 48 18.77 -1.94 -18.30
N ASP B 49 17.47 -2.13 -18.52
CA ASP B 49 16.46 -1.09 -18.40
C ASP B 49 15.16 -1.88 -18.26
N ASN B 50 15.15 -2.79 -17.32
CA ASN B 50 13.99 -3.64 -17.07
C ASN B 50 13.73 -4.49 -18.31
N GLY B 51 14.79 -4.86 -19.01
CA GLY B 51 14.64 -5.67 -20.20
C GLY B 51 13.69 -5.02 -21.17
N ASP B 52 13.58 -3.70 -21.05
CA ASP B 52 12.70 -2.87 -21.88
C ASP B 52 11.23 -3.25 -21.73
N CYS B 53 10.89 -3.91 -20.63
CA CYS B 53 9.52 -4.30 -20.36
C CYS B 53 8.77 -3.15 -19.73
N ASP B 54 7.47 -3.28 -19.57
CA ASP B 54 6.69 -2.23 -18.96
C ASP B 54 6.46 -2.58 -17.48
N GLN B 55 6.46 -3.87 -17.19
CA GLN B 55 6.25 -4.30 -15.82
C GLN B 55 7.17 -5.49 -15.51
N PHE B 56 6.62 -6.52 -14.89
CA PHE B 56 7.39 -7.71 -14.54
C PHE B 56 8.41 -8.07 -15.61
N CYS B 57 9.68 -8.19 -15.23
CA CYS B 57 10.74 -8.55 -16.17
C CYS B 57 11.19 -9.98 -15.82
N HIS B 58 11.43 -10.79 -16.84
CA HIS B 58 11.85 -12.17 -16.62
C HIS B 58 12.95 -12.60 -17.56
N GLU B 59 13.85 -13.44 -17.06
CA GLU B 59 14.96 -13.92 -17.86
C GLU B 59 14.83 -15.38 -18.24
N GLU B 60 15.31 -15.70 -19.43
CA GLU B 60 15.26 -17.07 -19.93
C GLU B 60 16.63 -17.47 -20.47
N GLN B 61 17.59 -17.59 -19.55
CA GLN B 61 18.97 -17.97 -19.84
C GLN B 61 19.70 -17.10 -20.87
N ASN B 62 18.98 -16.63 -21.87
CA ASN B 62 19.62 -15.81 -22.88
C ASN B 62 18.91 -14.50 -23.17
N SER B 63 17.63 -14.40 -22.81
CA SER B 63 16.92 -13.16 -23.07
C SER B 63 15.77 -12.83 -22.12
N VAL B 64 15.17 -11.66 -22.34
CA VAL B 64 14.07 -11.18 -21.53
C VAL B 64 12.74 -11.81 -21.94
N VAL B 65 11.79 -11.77 -21.01
CA VAL B 65 10.46 -12.31 -21.25
C VAL B 65 9.45 -11.56 -20.38
N CYS B 66 8.85 -10.52 -20.96
CA CYS B 66 7.90 -9.66 -20.26
C CYS B 66 6.53 -10.29 -19.97
N SER B 67 5.83 -9.68 -19.01
CA SER B 67 4.46 -10.07 -18.62
C SER B 67 3.87 -8.91 -17.81
N CYS B 68 2.57 -8.95 -17.54
CA CYS B 68 1.92 -7.84 -16.81
C CYS B 68 1.06 -8.22 -15.62
N ALA B 69 0.78 -7.23 -14.77
CA ALA B 69 -0.05 -7.45 -13.59
C ALA B 69 -1.39 -7.96 -14.06
N ARG B 70 -2.15 -8.60 -13.17
CA ARG B 70 -3.47 -9.11 -13.57
C ARG B 70 -4.36 -7.92 -13.90
N GLY B 71 -4.91 -7.91 -15.10
CA GLY B 71 -5.76 -6.81 -15.51
C GLY B 71 -5.31 -6.29 -16.85
N TYR B 72 -4.05 -6.54 -17.20
CA TYR B 72 -3.52 -6.10 -18.47
C TYR B 72 -3.34 -7.27 -19.42
N THR B 73 -2.91 -6.95 -20.63
CA THR B 73 -2.66 -7.96 -21.67
C THR B 73 -1.40 -7.48 -22.36
N LEU B 74 -0.45 -8.40 -22.58
CA LEU B 74 0.82 -8.04 -23.18
C LEU B 74 0.68 -7.60 -24.63
N ALA B 75 1.29 -6.48 -24.95
CA ALA B 75 1.24 -5.96 -26.31
C ALA B 75 1.74 -7.03 -27.26
N ASP B 76 1.57 -6.78 -28.55
CA ASP B 76 1.99 -7.73 -29.57
C ASP B 76 3.45 -7.56 -29.88
N ASN B 77 4.13 -6.77 -29.06
CA ASN B 77 5.57 -6.55 -29.24
C ASN B 77 6.32 -7.10 -28.04
N GLY B 78 5.65 -7.98 -27.31
CA GLY B 78 6.22 -8.62 -26.15
C GLY B 78 6.69 -7.77 -25.00
N LYS B 79 6.56 -6.45 -25.09
CA LYS B 79 7.02 -5.61 -23.99
C LYS B 79 5.93 -4.81 -23.28
N ALA B 80 5.27 -3.91 -24.00
CA ALA B 80 4.23 -3.08 -23.43
C ALA B 80 3.04 -3.86 -22.91
N CYS B 81 2.27 -3.23 -22.02
CA CYS B 81 1.07 -3.83 -21.44
C CYS B 81 -0.10 -2.90 -21.66
N ILE B 82 -1.21 -3.43 -22.16
CA ILE B 82 -2.37 -2.58 -22.36
C ILE B 82 -3.54 -3.15 -21.56
N PRO B 83 -4.28 -2.29 -20.86
CA PRO B 83 -5.43 -2.66 -20.04
C PRO B 83 -6.58 -3.31 -20.79
N THR B 84 -7.42 -4.03 -20.05
CA THR B 84 -8.58 -4.68 -20.64
C THR B 84 -9.82 -3.84 -20.30
N GLY B 85 -10.05 -3.60 -19.02
CA GLY B 85 -11.18 -2.80 -18.60
C GLY B 85 -10.79 -1.33 -18.50
N PRO B 86 -11.73 -0.45 -18.12
CA PRO B 86 -11.45 1.00 -17.98
C PRO B 86 -10.77 1.51 -16.71
N TYR B 87 -10.83 0.75 -15.62
CA TYR B 87 -10.18 1.17 -14.38
C TYR B 87 -9.19 0.09 -13.96
N PRO B 88 -7.99 0.10 -14.55
CA PRO B 88 -6.94 -0.87 -14.27
C PRO B 88 -6.03 -0.52 -13.11
N CYS B 89 -5.61 -1.56 -12.38
CA CYS B 89 -4.75 -1.41 -11.23
C CYS B 89 -3.51 -0.63 -11.58
N GLY B 90 -2.99 0.10 -10.60
CA GLY B 90 -1.78 0.88 -10.81
C GLY B 90 -1.93 2.22 -11.48
N LYS B 91 -3.09 2.51 -12.07
CA LYS B 91 -3.26 3.79 -12.75
C LYS B 91 -4.12 4.80 -12.01
N GLN B 92 -3.58 5.99 -11.83
CA GLN B 92 -4.31 7.06 -11.14
C GLN B 92 -5.50 7.52 -11.94
N THR B 93 -6.70 7.38 -11.41
CA THR B 93 -7.89 7.84 -12.11
C THR B 93 -7.76 9.35 -12.31
N LEU B 94 -7.28 9.77 -13.47
CA LEU B 94 -7.13 11.18 -13.73
C LEU B 94 -8.18 11.72 -14.70
CA CA C . -17.11 12.73 2.37
C1 XMD D . 3.33 6.06 13.80
C2 XMD D . 2.28 5.38 14.54
C3 XMD D . 3.34 4.18 12.02
C4 XMD D . 2.26 3.51 12.79
C5 XMD D . 1.76 4.09 13.99
C6 XMD D . 3.89 5.51 12.56
CL7 XMD D . 5.59 3.66 8.55
C8 XMD D . 4.96 6.18 11.79
C9 XMD D . 3.89 3.64 10.78
C10 XMD D . 5.47 5.61 10.58
C11 XMD D . 4.94 4.33 10.06
S12 XMD D . 1.62 6.06 16.01
O13 XMD D . 1.98 7.56 16.14
C14 XMD D . 4.19 4.63 18.95
C15 XMD D . 5.74 4.64 19.05
O16 XMD D . 6.22 5.79 19.66
C17 XMD D . 7.14 5.66 20.80
C18 XMD D . 6.77 6.69 21.89
O19 XMD D . 6.44 3.72 18.67
C20 XMD D . 3.73 5.06 17.51
N21 XMD D . 2.25 5.26 17.41
C22 XMD D . 2.01 3.24 19.11
O23 XMD D . 1.29 2.34 19.55
C24 XMD D . 1.41 4.18 18.01
N25 XMD D . 3.38 3.47 19.54
O26 XMD D . 0.09 5.94 16.04
C27 XMD D . 4.00 2.57 20.59
C28 XMD D . 7.90 -3.89 17.48
N29 XMD D . 6.81 -0.69 19.48
C30 XMD D . 7.32 -2.08 19.14
C31 XMD D . 7.40 -2.57 17.74
C32 XMD D . 6.71 -0.17 20.91
C33 XMD D . 7.78 -3.02 20.20
C34 XMD D . 6.33 0.29 18.42
C35 XMD D . 4.46 1.13 20.19
C36 XMD D . 5.33 0.41 21.32
N37 XMD D . 8.31 -4.75 18.49
C38 XMD D . 8.25 -4.33 19.81
C39 XMD D . 4.91 0.89 18.67
#